data_3FT4
#
_entry.id   3FT4
#
_cell.length_a   51.510
_cell.length_b   80.090
_cell.length_c   54.790
_cell.angle_alpha   90.00
_cell.angle_beta   111.15
_cell.angle_gamma   90.00
#
_symmetry.space_group_name_H-M   'P 1 21 1'
#
loop_
_entity.id
_entity.type
_entity.pdbx_description
1 polymer 'HLA class I histocompatibility antigen, A-2 alpha chain'
2 polymer Beta-2-microglobulin
3 polymer 'arginine variant HA-1 peptide'
4 water water
#
loop_
_entity_poly.entity_id
_entity_poly.type
_entity_poly.pdbx_seq_one_letter_code
_entity_poly.pdbx_strand_id
1 'polypeptide(L)'
;GSHSMRYFFTSVSRPGRGEPRFIAVGYVDDTQFVRFDSDAASQRMEPRAPWIEQEGPEYWDGETRKVKAHSQTHRVDLGT
LRGYYNQSEAGSHTVQRMYGCDVGSDWRFLRGYHQYAYDGKDYIALKEDLRSWTAADMAAQTTKHKWEAAHVAEQLRAYL
EGTCVEWLRRYLENGKETLQRTDAPKTHMTHHAVSDHEATLRCWALSFYPAEITLTWQRDGEDQTQDTELVETRPAGDGT
FQKWVAVVVPSGQEQRYTCHVQHEGLPKPLTLRWE
;
A
2 'polypeptide(L)'
;MIQRTPKIQVYSRHPAENGKSNFLNCYVSGFHPSDIEVDLLKNGERIEKVEHSDLSFSKDWSFYLLYYTEFTPTEKDEYA
CRVNHVTLSQPKIVKWDRDM
;
B
3 'polypeptide(L)' VLRDDLLEA P
#
# COMPACT_ATOMS: atom_id res chain seq x y z
N GLY A 1 10.39 16.82 9.63
CA GLY A 1 10.19 15.48 9.02
C GLY A 1 10.02 15.63 7.52
N SER A 2 10.39 14.58 6.78
CA SER A 2 10.24 14.60 5.34
C SER A 2 8.82 14.18 4.94
N HIS A 3 8.42 14.54 3.73
CA HIS A 3 7.15 14.10 3.16
C HIS A 3 7.42 13.62 1.77
N SER A 4 6.55 12.75 1.27
N SER A 4 6.53 12.79 1.27
CA SER A 4 6.75 12.19 -0.06
CA SER A 4 6.72 12.21 -0.05
C SER A 4 5.48 12.26 -0.89
C SER A 4 5.46 12.40 -0.89
N MET A 5 5.66 12.37 -2.19
CA MET A 5 4.56 12.25 -3.13
C MET A 5 4.95 11.12 -4.07
N ARG A 6 4.08 10.14 -4.23
CA ARG A 6 4.38 8.97 -5.07
C ARG A 6 3.19 8.65 -5.94
N TYR A 7 3.46 8.30 -7.18
CA TYR A 7 2.44 7.76 -8.05
C TYR A 7 2.77 6.30 -8.35
N PHE A 8 1.74 5.44 -8.32
CA PHE A 8 1.88 4.00 -8.55
C PHE A 8 1.01 3.62 -9.74
N PHE A 9 1.59 2.92 -10.72
CA PHE A 9 0.88 2.58 -11.93
C PHE A 9 0.99 1.08 -12.17
N THR A 10 -0.12 0.44 -12.51
CA THR A 10 -0.13 -0.98 -12.81
C THR A 10 -0.88 -1.18 -14.11
N SER A 11 -0.23 -1.83 -15.09
N SER A 11 -0.23 -1.84 -15.08
CA SER A 11 -0.86 -2.15 -16.36
CA SER A 11 -0.89 -2.17 -16.34
C SER A 11 -0.79 -3.66 -16.57
C SER A 11 -0.79 -3.67 -16.57
N VAL A 12 -1.93 -4.28 -16.86
CA VAL A 12 -2.04 -5.74 -17.00
C VAL A 12 -2.63 -6.09 -18.37
N SER A 13 -1.89 -6.77 -19.22
CA SER A 13 -2.40 -7.10 -20.56
C SER A 13 -3.54 -8.13 -20.48
N ARG A 14 -4.48 -8.04 -21.43
CA ARG A 14 -5.62 -8.95 -21.49
C ARG A 14 -5.68 -9.46 -22.91
N PRO A 15 -4.77 -10.36 -23.28
CA PRO A 15 -4.58 -10.72 -24.68
C PRO A 15 -5.87 -11.13 -25.40
N GLY A 16 -6.71 -11.89 -24.74
CA GLY A 16 -7.95 -12.36 -25.37
C GLY A 16 -8.63 -11.28 -26.21
N ARG A 17 -8.75 -10.10 -25.64
CA ARG A 17 -9.44 -8.99 -26.29
C ARG A 17 -9.24 -7.65 -25.59
N GLY A 18 -8.93 -6.62 -26.36
CA GLY A 18 -8.86 -5.26 -25.84
C GLY A 18 -7.55 -4.80 -25.22
N GLU A 19 -7.53 -3.56 -24.73
N GLU A 19 -7.56 -3.57 -24.70
CA GLU A 19 -6.31 -2.99 -24.15
CA GLU A 19 -6.39 -2.93 -24.10
C GLU A 19 -6.12 -3.42 -22.70
C GLU A 19 -6.13 -3.44 -22.69
N PRO A 20 -4.91 -3.22 -22.17
CA PRO A 20 -4.60 -3.58 -20.79
C PRO A 20 -5.52 -2.90 -19.78
N ARG A 21 -5.69 -3.54 -18.63
CA ARG A 21 -6.33 -2.92 -17.47
C ARG A 21 -5.28 -2.00 -16.87
N PHE A 22 -5.59 -0.71 -16.74
CA PHE A 22 -4.64 0.28 -16.21
C PHE A 22 -5.21 0.96 -14.94
N ILE A 23 -4.42 0.94 -13.86
CA ILE A 23 -4.81 1.57 -12.62
C ILE A 23 -3.67 2.46 -12.13
N ALA A 24 -4.00 3.71 -11.84
CA ALA A 24 -3.02 4.66 -11.34
C ALA A 24 -3.52 5.22 -10.01
N VAL A 25 -2.63 5.33 -9.02
CA VAL A 25 -2.99 5.92 -7.74
C VAL A 25 -1.90 6.89 -7.32
N GLY A 26 -2.28 7.99 -6.69
CA GLY A 26 -1.32 8.98 -6.22
C GLY A 26 -1.42 9.10 -4.71
N TYR A 27 -0.28 9.21 -4.04
CA TYR A 27 -0.23 9.32 -2.59
C TYR A 27 0.60 10.50 -2.16
N VAL A 28 0.20 11.18 -1.09
CA VAL A 28 1.13 12.00 -0.31
C VAL A 28 1.36 11.24 1.01
N ASP A 29 2.62 10.88 1.30
CA ASP A 29 2.92 9.99 2.41
C ASP A 29 2.00 8.76 2.37
N ASP A 30 1.24 8.51 3.43
CA ASP A 30 0.38 7.34 3.50
C ASP A 30 -1.08 7.60 3.13
N THR A 31 -1.35 8.75 2.52
CA THR A 31 -2.70 9.14 2.15
C THR A 31 -2.88 9.13 0.63
N GLN A 32 -3.76 8.27 0.13
CA GLN A 32 -4.12 8.32 -1.29
C GLN A 32 -4.93 9.59 -1.55
N PHE A 33 -4.65 10.28 -2.66
CA PHE A 33 -5.37 11.49 -3.01
C PHE A 33 -5.99 11.52 -4.41
N VAL A 34 -5.48 10.70 -5.32
CA VAL A 34 -6.10 10.59 -6.66
C VAL A 34 -6.09 9.15 -7.18
N ARG A 35 -6.95 8.88 -8.16
N ARG A 35 -6.95 8.88 -8.16
CA ARG A 35 -6.99 7.57 -8.80
CA ARG A 35 -6.91 7.59 -8.84
C ARG A 35 -7.50 7.62 -10.24
C ARG A 35 -7.38 7.71 -10.28
N PHE A 36 -7.00 6.72 -11.07
CA PHE A 36 -7.55 6.52 -12.41
C PHE A 36 -7.69 5.01 -12.59
N ASP A 37 -8.84 4.59 -13.10
CA ASP A 37 -9.05 3.19 -13.42
C ASP A 37 -9.61 3.11 -14.84
N SER A 38 -8.94 2.36 -15.70
N SER A 38 -8.93 2.37 -15.71
CA SER A 38 -9.36 2.23 -17.10
CA SER A 38 -9.36 2.23 -17.10
C SER A 38 -10.75 1.60 -17.24
C SER A 38 -10.74 1.60 -17.24
N ASP A 39 -11.14 0.80 -16.24
CA ASP A 39 -12.43 0.14 -16.30
C ASP A 39 -13.60 0.99 -15.78
N ALA A 40 -13.30 2.13 -15.16
CA ALA A 40 -14.35 3.00 -14.61
C ALA A 40 -15.05 3.82 -15.69
N ALA A 41 -16.27 4.26 -15.41
CA ALA A 41 -17.08 4.97 -16.40
C ALA A 41 -16.53 6.36 -16.77
N SER A 42 -16.06 7.08 -15.76
CA SER A 42 -15.70 8.48 -15.93
C SER A 42 -14.57 8.69 -16.95
N GLN A 43 -13.64 7.73 -17.01
CA GLN A 43 -12.43 7.91 -17.81
C GLN A 43 -11.76 9.22 -17.41
N ARG A 44 -11.83 9.56 -16.13
CA ARG A 44 -11.19 10.75 -15.58
C ARG A 44 -10.32 10.39 -14.39
N MET A 45 -9.24 11.13 -14.19
CA MET A 45 -8.58 11.13 -12.87
C MET A 45 -9.63 11.63 -11.87
N GLU A 46 -9.78 10.93 -10.74
CA GLU A 46 -10.78 11.24 -9.72
C GLU A 46 -10.14 11.55 -8.36
N PRO A 47 -10.70 12.51 -7.61
CA PRO A 47 -10.23 12.79 -6.24
C PRO A 47 -10.52 11.66 -5.26
N ARG A 48 -9.61 11.49 -4.30
N ARG A 48 -9.62 11.49 -4.29
CA ARG A 48 -9.75 10.49 -3.24
CA ARG A 48 -9.79 10.50 -3.25
C ARG A 48 -9.40 11.08 -1.88
C ARG A 48 -9.50 11.10 -1.87
N ALA A 49 -9.18 12.39 -1.83
CA ALA A 49 -8.96 13.09 -0.56
C ALA A 49 -9.63 14.45 -0.63
N PRO A 50 -10.27 14.90 0.46
CA PRO A 50 -11.01 16.16 0.41
C PRO A 50 -10.16 17.33 -0.08
N TRP A 51 -8.90 17.38 0.33
CA TRP A 51 -8.08 18.56 0.10
C TRP A 51 -7.69 18.74 -1.37
N ILE A 52 -7.75 17.67 -2.15
CA ILE A 52 -7.45 17.78 -3.58
C ILE A 52 -8.68 18.33 -4.32
N GLU A 53 -9.86 18.21 -3.72
CA GLU A 53 -11.05 18.77 -4.33
C GLU A 53 -11.01 20.29 -4.41
N GLN A 54 -10.01 20.89 -3.77
CA GLN A 54 -9.78 22.33 -3.86
C GLN A 54 -9.37 22.73 -5.27
N GLU A 55 -8.83 21.77 -6.01
CA GLU A 55 -8.33 22.05 -7.36
C GLU A 55 -9.50 22.13 -8.34
N GLY A 56 -9.46 23.13 -9.22
CA GLY A 56 -10.52 23.36 -10.21
C GLY A 56 -10.47 22.44 -11.40
N PRO A 57 -11.42 22.61 -12.34
CA PRO A 57 -11.53 21.76 -13.52
C PRO A 57 -10.26 21.68 -14.35
N GLU A 58 -9.46 22.75 -14.42
CA GLU A 58 -8.25 22.70 -15.22
C GLU A 58 -7.29 21.63 -14.68
N TYR A 59 -7.27 21.47 -13.36
CA TYR A 59 -6.41 20.47 -12.75
C TYR A 59 -6.81 19.08 -13.24
N TRP A 60 -8.10 18.74 -13.11
CA TRP A 60 -8.58 17.40 -13.50
C TRP A 60 -8.45 17.11 -14.99
N ASP A 61 -8.72 18.13 -15.82
N ASP A 61 -8.72 18.12 -15.81
CA ASP A 61 -8.50 18.03 -17.26
CA ASP A 61 -8.48 18.02 -17.25
C ASP A 61 -7.03 17.72 -17.58
C ASP A 61 -7.03 17.64 -17.49
N GLY A 62 -6.12 18.37 -16.84
CA GLY A 62 -4.69 18.16 -17.05
C GLY A 62 -4.20 16.81 -16.62
N GLU A 63 -4.57 16.40 -15.40
CA GLU A 63 -4.18 15.09 -14.90
C GLU A 63 -4.78 13.94 -15.72
N THR A 64 -6.01 14.12 -16.19
CA THR A 64 -6.68 13.13 -17.04
C THR A 64 -5.94 12.96 -18.36
N ARG A 65 -5.56 14.07 -18.99
CA ARG A 65 -4.78 13.99 -20.22
C ARG A 65 -3.48 13.19 -20.02
N LYS A 66 -2.72 13.55 -19.00
CA LYS A 66 -1.45 12.88 -18.71
C LYS A 66 -1.61 11.41 -18.34
N VAL A 67 -2.62 11.09 -17.53
CA VAL A 67 -2.78 9.69 -17.09
C VAL A 67 -3.26 8.79 -18.25
N LYS A 68 -4.02 9.36 -19.18
CA LYS A 68 -4.39 8.58 -20.35
C LYS A 68 -3.15 8.32 -21.21
N ALA A 69 -2.30 9.33 -21.32
CA ALA A 69 -1.05 9.19 -22.05
C ALA A 69 -0.12 8.17 -21.40
N HIS A 70 -0.03 8.21 -20.07
CA HIS A 70 0.71 7.19 -19.32
C HIS A 70 0.18 5.79 -19.68
N SER A 71 -1.14 5.63 -19.76
CA SER A 71 -1.69 4.29 -20.02
C SER A 71 -1.27 3.75 -21.39
N GLN A 72 -1.18 4.64 -22.37
CA GLN A 72 -0.73 4.24 -23.70
C GLN A 72 0.74 3.83 -23.68
N THR A 73 1.56 4.58 -22.95
CA THR A 73 2.98 4.22 -22.81
C THR A 73 3.13 2.81 -22.27
N HIS A 74 2.40 2.50 -21.20
CA HIS A 74 2.40 1.16 -20.62
C HIS A 74 1.85 0.08 -21.56
N ARG A 75 0.81 0.39 -22.31
CA ARG A 75 0.30 -0.59 -23.28
C ARG A 75 1.36 -0.93 -24.34
N VAL A 76 2.06 0.09 -24.82
CA VAL A 76 3.12 -0.11 -25.81
C VAL A 76 4.25 -0.93 -25.19
N ASP A 77 4.61 -0.59 -23.96
CA ASP A 77 5.67 -1.29 -23.26
C ASP A 77 5.41 -2.77 -23.07
N LEU A 78 4.18 -3.12 -22.70
CA LEU A 78 3.82 -4.53 -22.61
C LEU A 78 4.08 -5.26 -23.93
N GLY A 79 3.74 -4.64 -25.06
CA GLY A 79 4.06 -5.21 -26.37
C GLY A 79 5.55 -5.39 -26.58
N THR A 80 6.30 -4.33 -26.32
CA THR A 80 7.76 -4.33 -26.50
C THR A 80 8.46 -5.40 -25.66
N LEU A 81 8.09 -5.44 -24.38
CA LEU A 81 8.70 -6.37 -23.44
C LEU A 81 8.37 -7.83 -23.74
N ARG A 82 7.15 -8.09 -24.20
N ARG A 82 7.15 -8.08 -24.20
CA ARG A 82 6.78 -9.43 -24.66
CA ARG A 82 6.74 -9.40 -24.68
C ARG A 82 7.77 -9.89 -25.73
C ARG A 82 7.75 -9.88 -25.74
N GLY A 83 8.14 -8.96 -26.61
CA GLY A 83 9.11 -9.23 -27.67
C GLY A 83 10.52 -9.45 -27.13
N TYR A 84 10.96 -8.60 -26.21
CA TYR A 84 12.30 -8.78 -25.62
C TYR A 84 12.45 -10.13 -24.94
N TYR A 85 11.42 -10.54 -24.21
CA TYR A 85 11.41 -11.81 -23.47
C TYR A 85 10.88 -13.02 -24.25
N ASN A 86 10.66 -12.84 -25.55
CA ASN A 86 10.21 -13.96 -26.41
C ASN A 86 9.00 -14.70 -25.86
N GLN A 87 7.97 -13.96 -25.48
CA GLN A 87 6.80 -14.56 -24.90
C GLN A 87 5.66 -14.60 -25.91
N SER A 88 4.71 -15.50 -25.67
CA SER A 88 3.58 -15.67 -26.57
C SER A 88 2.60 -14.52 -26.40
N GLU A 89 1.76 -14.32 -27.42
CA GLU A 89 0.68 -13.34 -27.37
C GLU A 89 -0.46 -13.82 -26.48
N ALA A 90 -0.34 -15.05 -25.98
CA ALA A 90 -1.42 -15.68 -25.23
C ALA A 90 -1.50 -15.26 -23.76
N GLY A 91 -0.36 -15.07 -23.11
CA GLY A 91 -0.34 -14.85 -21.68
C GLY A 91 -0.60 -13.42 -21.26
N SER A 92 -1.02 -13.26 -20.01
CA SER A 92 -1.21 -11.94 -19.44
C SER A 92 0.06 -11.55 -18.70
N HIS A 93 0.52 -10.33 -18.89
CA HIS A 93 1.71 -9.86 -18.22
C HIS A 93 1.48 -8.49 -17.58
N THR A 94 2.43 -8.07 -16.75
CA THR A 94 2.24 -6.87 -15.95
C THR A 94 3.41 -5.93 -16.03
N VAL A 95 3.14 -4.65 -16.24
N VAL A 95 3.12 -4.64 -16.18
CA VAL A 95 4.15 -3.63 -15.97
CA VAL A 95 4.12 -3.60 -16.03
C VAL A 95 3.72 -2.82 -14.75
C VAL A 95 3.76 -2.68 -14.85
N GLN A 96 4.71 -2.47 -13.93
CA GLN A 96 4.47 -1.60 -12.77
C GLN A 96 5.50 -0.50 -12.74
N ARG A 97 5.05 0.71 -12.40
CA ARG A 97 5.89 1.89 -12.34
C ARG A 97 5.62 2.70 -11.08
N MET A 98 6.67 3.19 -10.43
N MET A 98 6.68 3.16 -10.43
CA MET A 98 6.51 4.09 -9.30
CA MET A 98 6.55 4.10 -9.34
C MET A 98 7.51 5.25 -9.42
C MET A 98 7.49 5.27 -9.60
N TYR A 99 7.01 6.47 -9.32
CA TYR A 99 7.87 7.66 -9.33
C TYR A 99 7.35 8.71 -8.38
N GLY A 100 8.23 9.62 -8.00
CA GLY A 100 7.85 10.64 -7.02
C GLY A 100 9.05 11.31 -6.38
N CYS A 101 8.78 12.19 -5.42
CA CYS A 101 9.82 13.01 -4.84
C CYS A 101 9.52 13.21 -3.37
N ASP A 102 10.58 13.43 -2.60
CA ASP A 102 10.49 13.77 -1.18
C ASP A 102 10.99 15.21 -0.99
N VAL A 103 10.43 15.90 0.00
CA VAL A 103 11.03 17.12 0.51
C VAL A 103 11.47 16.86 1.94
N GLY A 104 12.49 17.58 2.41
CA GLY A 104 12.96 17.44 3.80
C GLY A 104 12.23 18.35 4.77
N SER A 105 12.73 18.40 5.99
CA SER A 105 12.17 19.25 7.04
C SER A 105 12.31 20.72 6.66
N ASP A 106 13.19 20.99 5.72
CA ASP A 106 13.40 22.35 5.26
C ASP A 106 12.50 22.67 4.07
N TRP A 107 11.60 21.74 3.75
CA TRP A 107 10.65 21.86 2.64
C TRP A 107 11.32 21.99 1.26
N ARG A 108 12.61 21.65 1.19
CA ARG A 108 13.32 21.63 -0.09
C ARG A 108 13.43 20.21 -0.63
N PHE A 109 13.65 20.08 -1.93
CA PHE A 109 13.87 18.77 -2.55
C PHE A 109 14.87 17.93 -1.74
N LEU A 110 14.50 16.69 -1.47
CA LEU A 110 15.40 15.78 -0.80
C LEU A 110 15.80 14.58 -1.67
N ARG A 111 14.83 13.93 -2.29
CA ARG A 111 15.08 12.69 -3.05
C ARG A 111 14.08 12.54 -4.19
N GLY A 112 14.49 11.83 -5.23
CA GLY A 112 13.62 11.53 -6.36
C GLY A 112 13.72 10.05 -6.68
N TYR A 113 12.67 9.49 -7.28
CA TYR A 113 12.59 8.05 -7.57
C TYR A 113 11.88 7.85 -8.89
N HIS A 114 12.33 6.85 -9.64
CA HIS A 114 11.55 6.38 -10.77
C HIS A 114 11.94 4.93 -11.01
N GLN A 115 11.05 3.99 -10.69
CA GLN A 115 11.39 2.59 -10.92
C GLN A 115 10.32 1.83 -11.68
N TYR A 116 10.77 0.78 -12.36
N TYR A 116 10.75 0.76 -12.33
CA TYR A 116 9.94 0.10 -13.34
CA TYR A 116 9.95 0.09 -13.34
C TYR A 116 10.15 -1.40 -13.18
C TYR A 116 10.15 -1.42 -13.21
N ALA A 117 9.05 -2.15 -13.23
CA ALA A 117 9.09 -3.60 -13.07
C ALA A 117 8.34 -4.28 -14.19
N TYR A 118 8.76 -5.50 -14.53
CA TYR A 118 7.98 -6.34 -15.47
C TYR A 118 7.72 -7.69 -14.85
N ASP A 119 6.46 -8.10 -14.86
CA ASP A 119 6.02 -9.33 -14.19
C ASP A 119 6.53 -9.47 -12.75
N GLY A 120 6.49 -8.34 -12.01
CA GLY A 120 6.77 -8.32 -10.58
C GLY A 120 8.26 -8.39 -10.22
N LYS A 121 9.13 -8.19 -11.21
CA LYS A 121 10.58 -8.16 -10.94
C LYS A 121 11.17 -6.85 -11.43
N ASP A 122 12.22 -6.36 -10.75
CA ASP A 122 12.94 -5.16 -11.22
C ASP A 122 13.26 -5.25 -12.71
N TYR A 123 13.04 -4.14 -13.42
CA TYR A 123 13.43 -4.03 -14.82
C TYR A 123 14.47 -2.91 -14.96
N ILE A 124 14.06 -1.67 -14.68
CA ILE A 124 14.98 -0.54 -14.76
C ILE A 124 14.62 0.50 -13.72
N ALA A 125 15.64 1.13 -13.13
CA ALA A 125 15.40 2.15 -12.11
C ALA A 125 16.39 3.31 -12.24
N LEU A 126 15.89 4.51 -11.99
CA LEU A 126 16.75 5.69 -11.94
C LEU A 126 17.60 5.61 -10.65
N LYS A 127 18.88 5.93 -10.75
CA LYS A 127 19.77 5.88 -9.58
C LYS A 127 19.57 7.12 -8.69
N GLU A 128 20.08 7.05 -7.46
N GLU A 128 20.09 7.03 -7.46
CA GLU A 128 19.85 8.10 -6.47
CA GLU A 128 19.91 8.07 -6.45
C GLU A 128 20.31 9.47 -6.95
C GLU A 128 20.30 9.46 -6.96
N ASP A 129 21.36 9.51 -7.75
CA ASP A 129 21.85 10.79 -8.32
C ASP A 129 20.94 11.39 -9.40
N LEU A 130 19.93 10.62 -9.83
CA LEU A 130 18.99 11.07 -10.86
C LEU A 130 19.70 11.34 -12.19
N ARG A 131 20.84 10.69 -12.40
CA ARG A 131 21.63 10.95 -13.61
C ARG A 131 21.89 9.69 -14.45
N SER A 132 21.66 8.52 -13.88
CA SER A 132 21.93 7.28 -14.59
C SER A 132 20.93 6.20 -14.19
N TRP A 133 21.03 5.03 -14.83
CA TRP A 133 20.05 3.98 -14.69
C TRP A 133 20.66 2.64 -14.26
N THR A 134 19.87 1.86 -13.53
CA THR A 134 20.19 0.49 -13.17
C THR A 134 19.32 -0.47 -13.97
N ALA A 135 19.93 -1.29 -14.83
CA ALA A 135 19.18 -2.29 -15.59
C ALA A 135 19.41 -3.66 -14.96
N ALA A 136 18.33 -4.37 -14.70
CA ALA A 136 18.39 -5.65 -13.99
C ALA A 136 18.93 -6.79 -14.86
N ASP A 137 18.64 -6.74 -16.16
CA ASP A 137 19.04 -7.80 -17.09
C ASP A 137 19.40 -7.25 -18.47
N MET A 138 19.65 -8.14 -19.44
CA MET A 138 20.08 -7.69 -20.77
C MET A 138 18.97 -7.01 -21.57
N ALA A 139 17.73 -7.42 -21.38
CA ALA A 139 16.60 -6.75 -22.02
C ALA A 139 16.55 -5.30 -21.57
N ALA A 140 16.77 -5.09 -20.28
CA ALA A 140 16.72 -3.75 -19.72
C ALA A 140 17.87 -2.87 -20.21
N GLN A 141 18.99 -3.48 -20.62
CA GLN A 141 20.09 -2.71 -21.22
C GLN A 141 19.63 -1.98 -22.48
N THR A 142 18.72 -2.61 -23.22
N THR A 142 18.71 -2.61 -23.21
CA THR A 142 18.17 -1.99 -24.41
CA THR A 142 18.18 -1.98 -24.42
C THR A 142 17.44 -0.70 -24.01
C THR A 142 17.36 -0.73 -24.08
N THR A 143 16.58 -0.81 -23.01
CA THR A 143 15.80 0.36 -22.56
C THR A 143 16.76 1.41 -22.01
N LYS A 144 17.79 0.98 -21.28
CA LYS A 144 18.76 1.91 -20.72
C LYS A 144 19.42 2.76 -21.81
N HIS A 145 19.88 2.08 -22.86
CA HIS A 145 20.50 2.78 -23.98
C HIS A 145 19.58 3.82 -24.61
N LYS A 146 18.34 3.40 -24.89
CA LYS A 146 17.36 4.26 -25.52
C LYS A 146 17.09 5.53 -24.69
N TRP A 147 16.96 5.32 -23.38
CA TRP A 147 16.68 6.41 -22.45
C TRP A 147 17.88 7.31 -22.26
N GLU A 148 19.09 6.75 -22.34
CA GLU A 148 20.31 7.56 -22.31
C GLU A 148 20.44 8.43 -23.55
N ALA A 149 20.22 7.83 -24.72
CA ALA A 149 20.27 8.55 -25.99
C ALA A 149 19.23 9.67 -26.03
N ALA A 150 18.09 9.44 -25.39
CA ALA A 150 17.00 10.40 -25.40
C ALA A 150 17.08 11.35 -24.20
N HIS A 151 18.12 11.23 -23.37
CA HIS A 151 18.29 12.07 -22.19
C HIS A 151 17.05 12.14 -21.32
N VAL A 152 16.44 10.98 -21.09
CA VAL A 152 15.30 10.87 -20.20
C VAL A 152 15.64 11.33 -18.78
N ALA A 153 16.81 10.92 -18.28
CA ALA A 153 17.17 11.24 -16.89
C ALA A 153 17.15 12.74 -16.62
N GLU A 154 17.61 13.53 -17.58
CA GLU A 154 17.70 14.97 -17.43
C GLU A 154 16.31 15.61 -17.35
N GLN A 155 15.38 15.13 -18.17
CA GLN A 155 14.00 15.58 -18.15
C GLN A 155 13.31 15.14 -16.87
N LEU A 156 13.58 13.91 -16.44
N LEU A 156 13.59 13.92 -16.43
CA LEU A 156 13.01 13.38 -15.22
CA LEU A 156 13.01 13.42 -15.20
C LEU A 156 13.50 14.17 -14.01
C LEU A 156 13.58 14.16 -13.98
N ARG A 157 14.81 14.44 -13.96
N ARG A 157 14.87 14.47 -14.01
CA ARG A 157 15.37 15.17 -12.84
CA ARG A 157 15.51 15.20 -12.92
C ARG A 157 14.75 16.56 -12.72
C ARG A 157 14.86 16.57 -12.73
N ALA A 158 14.56 17.23 -13.84
CA ALA A 158 13.93 18.55 -13.84
C ALA A 158 12.54 18.52 -13.21
N TYR A 159 11.74 17.54 -13.60
CA TYR A 159 10.42 17.30 -12.99
C TYR A 159 10.53 17.02 -11.50
N LEU A 160 11.45 16.13 -11.12
CA LEU A 160 11.55 15.69 -9.72
C LEU A 160 12.03 16.80 -8.79
N GLU A 161 12.98 17.61 -9.25
CA GLU A 161 13.53 18.70 -8.43
C GLU A 161 12.70 19.96 -8.53
N GLY A 162 11.75 19.99 -9.47
CA GLY A 162 10.98 21.19 -9.75
C GLY A 162 9.49 21.00 -9.54
N THR A 163 8.77 20.77 -10.62
CA THR A 163 7.32 20.53 -10.61
C THR A 163 6.87 19.62 -9.46
N CYS A 164 7.51 18.46 -9.35
CA CYS A 164 7.13 17.48 -8.34
C CYS A 164 7.12 18.07 -6.92
N VAL A 165 8.23 18.71 -6.54
N VAL A 165 8.21 18.69 -6.49
CA VAL A 165 8.37 19.36 -5.24
CA VAL A 165 8.26 19.24 -5.13
C VAL A 165 7.37 20.49 -5.04
C VAL A 165 7.43 20.53 -4.99
N GLU A 166 7.25 21.34 -6.06
N GLU A 166 7.29 21.27 -6.09
CA GLU A 166 6.38 22.49 -5.94
CA GLU A 166 6.42 22.44 -6.10
C GLU A 166 4.93 22.09 -5.66
C GLU A 166 5.00 22.05 -5.67
N TRP A 167 4.45 21.06 -6.35
CA TRP A 167 3.07 20.59 -6.12
C TRP A 167 2.93 19.86 -4.79
N LEU A 168 3.94 19.06 -4.44
CA LEU A 168 3.98 18.46 -3.11
C LEU A 168 3.84 19.54 -2.02
N ARG A 169 4.60 20.62 -2.12
N ARG A 169 4.61 20.61 -2.12
CA ARG A 169 4.49 21.73 -1.17
CA ARG A 169 4.51 21.74 -1.17
C ARG A 169 3.08 22.30 -1.11
C ARG A 169 3.09 22.30 -1.15
N ARG A 170 2.44 22.41 -2.27
N ARG A 170 2.47 22.40 -2.31
CA ARG A 170 1.08 22.92 -2.38
CA ARG A 170 1.09 22.90 -2.43
C ARG A 170 0.09 22.00 -1.70
C ARG A 170 0.11 22.00 -1.71
N TYR A 171 0.17 20.71 -2.02
CA TYR A 171 -0.73 19.71 -1.42
C TYR A 171 -0.58 19.68 0.11
N LEU A 172 0.65 19.71 0.58
CA LEU A 172 0.90 19.74 2.04
C LEU A 172 0.22 20.92 2.70
N GLU A 173 0.34 22.11 2.10
CA GLU A 173 -0.31 23.31 2.64
C GLU A 173 -1.84 23.18 2.58
N ASN A 174 -2.37 22.80 1.42
CA ASN A 174 -3.82 22.69 1.27
C ASN A 174 -4.41 21.62 2.17
N GLY A 175 -3.68 20.53 2.37
CA GLY A 175 -4.21 19.45 3.18
C GLY A 175 -3.62 19.42 4.58
N LYS A 176 -3.10 20.56 5.06
CA LYS A 176 -2.35 20.55 6.33
C LYS A 176 -3.13 19.92 7.49
N GLU A 177 -4.44 20.10 7.52
CA GLU A 177 -5.24 19.65 8.66
C GLU A 177 -5.14 18.15 8.89
N THR A 178 -4.91 17.41 7.81
CA THR A 178 -4.77 15.97 7.91
C THR A 178 -3.35 15.52 7.55
N LEU A 179 -2.85 15.92 6.39
CA LEU A 179 -1.49 15.50 5.94
C LEU A 179 -0.36 15.83 6.89
N GLN A 180 -0.51 16.90 7.67
CA GLN A 180 0.58 17.32 8.53
C GLN A 180 0.28 17.07 9.98
N ARG A 181 -0.81 16.35 10.24
CA ARG A 181 -1.21 15.98 11.58
C ARG A 181 -0.70 14.57 11.86
N THR A 182 0.05 14.38 12.94
CA THR A 182 0.42 13.03 13.34
C THR A 182 -0.62 12.53 14.34
N ASP A 183 -1.08 11.31 14.14
CA ASP A 183 -2.02 10.71 15.08
C ASP A 183 -1.24 9.66 15.87
N ALA A 184 -0.90 9.96 17.12
CA ALA A 184 -0.21 8.99 17.98
C ALA A 184 -1.09 7.74 18.19
N PRO A 185 -0.46 6.57 18.30
CA PRO A 185 -1.28 5.39 18.50
C PRO A 185 -2.03 5.40 19.83
N LYS A 186 -3.30 5.03 19.78
N LYS A 186 -3.28 4.97 19.79
CA LYS A 186 -4.05 4.73 20.99
CA LYS A 186 -4.05 4.75 21.00
C LYS A 186 -3.65 3.32 21.38
C LYS A 186 -3.78 3.32 21.44
N THR A 187 -3.11 3.16 22.58
CA THR A 187 -2.57 1.86 22.96
C THR A 187 -3.32 1.20 24.12
N HIS A 188 -3.43 -0.11 24.06
CA HIS A 188 -3.91 -0.86 25.20
C HIS A 188 -3.46 -2.30 25.14
N MET A 189 -3.67 -3.02 26.24
CA MET A 189 -3.26 -4.40 26.36
C MET A 189 -4.46 -5.24 26.72
N THR A 190 -4.59 -6.40 26.09
CA THR A 190 -5.56 -7.39 26.47
C THR A 190 -4.86 -8.63 27.02
N HIS A 191 -5.60 -9.43 27.78
CA HIS A 191 -5.05 -10.57 28.49
C HIS A 191 -6.01 -11.74 28.26
N HIS A 192 -5.46 -12.87 27.84
N HIS A 192 -5.51 -12.88 27.79
CA HIS A 192 -6.22 -14.09 27.61
CA HIS A 192 -6.36 -14.07 27.71
C HIS A 192 -5.51 -15.26 28.28
C HIS A 192 -5.68 -15.37 28.09
N ALA A 193 -6.23 -16.03 29.10
CA ALA A 193 -5.69 -17.29 29.61
C ALA A 193 -5.74 -18.33 28.50
N VAL A 194 -4.63 -19.03 28.27
CA VAL A 194 -4.67 -20.14 27.31
C VAL A 194 -4.68 -21.48 28.02
N SER A 195 -4.42 -21.44 29.34
CA SER A 195 -4.49 -22.60 30.22
C SER A 195 -4.63 -22.10 31.66
N ASP A 196 -4.53 -23.00 32.62
CA ASP A 196 -4.50 -22.63 34.03
C ASP A 196 -3.17 -22.00 34.41
N HIS A 197 -2.18 -22.13 33.53
CA HIS A 197 -0.82 -21.79 33.88
C HIS A 197 -0.16 -20.77 32.95
N GLU A 198 -0.81 -20.44 31.83
CA GLU A 198 -0.24 -19.55 30.81
C GLU A 198 -1.29 -18.57 30.30
N ALA A 199 -0.83 -17.39 29.89
CA ALA A 199 -1.74 -16.37 29.39
C ALA A 199 -1.11 -15.71 28.16
N THR A 200 -1.94 -15.11 27.31
CA THR A 200 -1.40 -14.33 26.19
C THR A 200 -1.61 -12.87 26.54
N LEU A 201 -0.54 -12.07 26.41
CA LEU A 201 -0.66 -10.63 26.54
C LEU A 201 -0.59 -10.05 25.13
N ARG A 202 -1.57 -9.22 24.75
CA ARG A 202 -1.57 -8.59 23.42
C ARG A 202 -1.56 -7.06 23.56
N CYS A 203 -0.54 -6.44 22.98
CA CYS A 203 -0.34 -5.02 23.05
C CYS A 203 -0.79 -4.40 21.74
N TRP A 204 -1.79 -3.52 21.81
CA TRP A 204 -2.46 -3.00 20.63
C TRP A 204 -2.10 -1.55 20.37
N ALA A 205 -1.81 -1.22 19.12
CA ALA A 205 -1.65 0.18 18.69
C ALA A 205 -2.72 0.46 17.62
N LEU A 206 -3.61 1.41 17.89
CA LEU A 206 -4.72 1.67 16.97
C LEU A 206 -4.78 3.14 16.56
N SER A 207 -5.39 3.40 15.40
N SER A 207 -5.39 3.40 15.40
CA SER A 207 -5.73 4.77 14.98
CA SER A 207 -5.73 4.77 14.97
C SER A 207 -4.52 5.69 14.81
C SER A 207 -4.53 5.69 14.81
N PHE A 208 -3.39 5.12 14.39
CA PHE A 208 -2.20 5.93 14.23
C PHE A 208 -1.95 6.34 12.79
N TYR A 209 -1.21 7.43 12.66
CA TYR A 209 -0.79 7.95 11.37
C TYR A 209 0.45 8.83 11.55
N PRO A 210 1.46 8.67 10.69
CA PRO A 210 1.58 7.75 9.55
C PRO A 210 1.79 6.29 9.98
N ALA A 211 1.96 5.40 8.99
CA ALA A 211 2.00 3.94 9.20
C ALA A 211 3.21 3.43 9.99
N GLU A 212 4.35 4.08 9.83
CA GLU A 212 5.60 3.65 10.50
C GLU A 212 5.47 3.59 12.01
N ILE A 213 5.87 2.46 12.59
CA ILE A 213 5.72 2.28 14.03
C ILE A 213 6.59 1.11 14.46
N THR A 214 7.02 1.10 15.72
N THR A 214 6.97 1.12 15.74
CA THR A 214 7.68 -0.09 16.24
CA THR A 214 7.71 0.04 16.37
C THR A 214 7.09 -0.50 17.59
C THR A 214 6.96 -0.46 17.60
N LEU A 215 6.65 -1.76 17.65
CA LEU A 215 6.03 -2.37 18.84
C LEU A 215 6.90 -3.54 19.27
N THR A 216 7.29 -3.59 20.53
CA THR A 216 8.17 -4.64 21.01
C THR A 216 7.85 -4.99 22.46
N TRP A 217 8.19 -6.22 22.84
CA TRP A 217 8.01 -6.67 24.21
C TRP A 217 9.37 -6.70 24.87
N GLN A 218 9.41 -6.33 26.15
CA GLN A 218 10.58 -6.59 26.97
C GLN A 218 10.20 -7.44 28.18
N ARG A 219 11.12 -8.29 28.63
CA ARG A 219 10.94 -8.99 29.90
C ARG A 219 12.03 -8.59 30.87
N ASP A 220 11.65 -8.06 32.02
CA ASP A 220 12.59 -7.53 33.00
C ASP A 220 13.58 -6.57 32.33
N GLY A 221 13.05 -5.76 31.41
CA GLY A 221 13.83 -4.70 30.79
C GLY A 221 14.82 -5.13 29.71
N GLU A 222 14.68 -6.35 29.21
CA GLU A 222 15.41 -6.76 28.01
C GLU A 222 14.44 -7.22 26.92
N ASP A 223 14.76 -6.95 25.66
CA ASP A 223 13.90 -7.32 24.54
C ASP A 223 13.59 -8.80 24.53
N GLN A 224 12.35 -9.13 24.18
CA GLN A 224 11.94 -10.51 24.05
C GLN A 224 11.27 -10.75 22.70
N THR A 225 11.85 -11.65 21.93
CA THR A 225 11.26 -12.00 20.64
C THR A 225 10.75 -13.44 20.64
N GLN A 226 11.31 -14.28 21.51
CA GLN A 226 10.82 -15.65 21.62
C GLN A 226 9.42 -15.71 22.19
N ASP A 227 8.61 -16.61 21.64
CA ASP A 227 7.23 -16.82 22.08
C ASP A 227 6.40 -15.55 21.87
N THR A 228 6.77 -14.76 20.88
N THR A 228 6.77 -14.80 20.83
CA THR A 228 5.96 -13.61 20.52
CA THR A 228 6.10 -13.54 20.48
C THR A 228 5.26 -13.87 19.20
C THR A 228 5.50 -13.61 19.07
N GLU A 229 4.37 -12.95 18.86
CA GLU A 229 3.70 -12.98 17.57
C GLU A 229 3.35 -11.53 17.27
N LEU A 230 3.37 -11.15 15.98
N LEU A 230 3.43 -11.17 16.00
CA LEU A 230 3.28 -9.72 15.56
CA LEU A 230 2.89 -9.90 15.65
C LEU A 230 2.77 -9.51 14.12
C LEU A 230 2.08 -10.06 14.39
N VAL A 231 1.56 -8.93 13.95
CA VAL A 231 0.93 -8.86 12.64
C VAL A 231 1.53 -7.69 11.90
N GLU A 232 1.51 -7.77 10.57
CA GLU A 232 1.96 -6.67 9.76
C GLU A 232 1.03 -5.48 9.98
N THR A 233 1.56 -4.27 9.91
CA THR A 233 0.75 -3.06 10.03
C THR A 233 -0.35 -3.08 8.96
N ARG A 234 -1.56 -2.70 9.33
CA ARG A 234 -2.71 -2.86 8.46
C ARG A 234 -3.58 -1.61 8.51
N PRO A 235 -4.25 -1.29 7.40
CA PRO A 235 -5.13 -0.11 7.37
C PRO A 235 -6.45 -0.34 8.12
N ALA A 236 -6.89 0.64 8.92
CA ALA A 236 -8.21 0.59 9.57
C ALA A 236 -9.32 0.84 8.56
N GLY A 237 -9.01 1.63 7.54
CA GLY A 237 -10.00 1.90 6.49
C GLY A 237 -10.57 3.29 6.60
N ASP A 238 -10.22 4.00 7.66
CA ASP A 238 -10.61 5.40 7.86
C ASP A 238 -9.40 6.30 7.72
N GLY A 239 -8.33 5.77 7.12
CA GLY A 239 -7.13 6.57 6.89
C GLY A 239 -6.03 6.36 7.91
N THR A 240 -6.32 5.62 8.98
CA THR A 240 -5.32 5.33 10.01
C THR A 240 -4.88 3.86 9.92
N PHE A 241 -3.97 3.49 10.81
CA PHE A 241 -3.37 2.16 10.78
C PHE A 241 -3.46 1.46 12.14
N GLN A 242 -3.29 0.13 12.12
CA GLN A 242 -3.39 -0.72 13.29
C GLN A 242 -2.19 -1.68 13.34
N LYS A 243 -1.79 -2.06 14.55
CA LYS A 243 -0.80 -3.13 14.74
C LYS A 243 -0.91 -3.71 16.15
N TRP A 244 -0.55 -4.97 16.30
CA TRP A 244 -0.42 -5.59 17.62
C TRP A 244 0.75 -6.56 17.70
N VAL A 245 1.24 -6.77 18.92
CA VAL A 245 2.28 -7.75 19.17
C VAL A 245 1.84 -8.52 20.42
N ALA A 246 2.07 -9.83 20.42
CA ALA A 246 1.62 -10.63 21.52
C ALA A 246 2.74 -11.52 22.08
N VAL A 247 2.62 -11.88 23.35
CA VAL A 247 3.57 -12.76 24.00
C VAL A 247 2.81 -13.73 24.91
N VAL A 248 3.33 -14.95 25.04
CA VAL A 248 2.77 -15.92 25.96
C VAL A 248 3.69 -16.00 27.19
N VAL A 249 3.09 -15.95 28.37
CA VAL A 249 3.83 -15.84 29.62
C VAL A 249 3.21 -16.74 30.70
N PRO A 250 4.03 -17.16 31.69
CA PRO A 250 3.42 -17.88 32.80
C PRO A 250 2.44 -17.00 33.54
N SER A 251 1.26 -17.51 33.83
N SER A 251 1.24 -17.50 33.81
CA SER A 251 0.28 -16.79 34.63
CA SER A 251 0.25 -16.72 34.55
C SER A 251 0.91 -16.31 35.93
C SER A 251 0.75 -16.36 35.95
N GLY A 252 0.59 -15.09 36.33
CA GLY A 252 1.15 -14.55 37.56
C GLY A 252 2.45 -13.80 37.34
N GLN A 253 3.06 -13.95 36.17
CA GLN A 253 4.34 -13.30 35.89
C GLN A 253 4.21 -12.11 34.94
N GLU A 254 2.97 -11.70 34.70
CA GLU A 254 2.66 -10.63 33.74
C GLU A 254 3.42 -9.34 34.03
N GLN A 255 3.64 -9.03 35.31
CA GLN A 255 4.28 -7.77 35.69
C GLN A 255 5.70 -7.63 35.16
N ARG A 256 6.37 -8.74 34.86
CA ARG A 256 7.72 -8.70 34.26
C ARG A 256 7.76 -8.12 32.86
N TYR A 257 6.61 -8.13 32.17
CA TYR A 257 6.61 -7.86 30.75
C TYR A 257 6.08 -6.46 30.46
N THR A 258 6.77 -5.73 29.59
CA THR A 258 6.32 -4.39 29.20
C THR A 258 6.25 -4.27 27.68
N CYS A 259 5.26 -3.53 27.20
CA CYS A 259 5.12 -3.26 25.76
C CYS A 259 5.66 -1.86 25.46
N HIS A 260 6.51 -1.76 24.46
CA HIS A 260 7.12 -0.49 24.13
C HIS A 260 6.68 -0.04 22.75
N VAL A 261 6.27 1.23 22.65
CA VAL A 261 5.72 1.78 21.41
C VAL A 261 6.49 3.03 20.98
N GLN A 262 6.99 2.99 19.75
CA GLN A 262 7.67 4.13 19.16
C GLN A 262 6.89 4.61 17.95
N HIS A 263 6.58 5.91 17.92
CA HIS A 263 5.87 6.51 16.79
C HIS A 263 6.18 8.00 16.72
N GLU A 264 6.30 8.52 15.50
CA GLU A 264 6.53 9.96 15.26
C GLU A 264 5.60 10.84 16.10
N GLY A 265 4.37 10.39 16.29
CA GLY A 265 3.39 11.12 17.07
C GLY A 265 3.67 11.16 18.57
N LEU A 266 4.67 10.41 19.02
CA LEU A 266 5.04 10.39 20.45
C LEU A 266 6.38 11.08 20.70
N PRO A 267 6.37 12.17 21.47
CA PRO A 267 7.64 12.83 21.80
C PRO A 267 8.58 11.87 22.52
N LYS A 268 8.02 10.90 23.22
CA LYS A 268 8.80 9.93 23.94
C LYS A 268 8.12 8.57 23.78
N PRO A 269 8.90 7.50 23.55
CA PRO A 269 8.27 6.18 23.43
C PRO A 269 7.40 5.83 24.65
N LEU A 270 6.36 5.04 24.41
CA LEU A 270 5.42 4.62 25.45
C LEU A 270 5.82 3.27 26.01
N THR A 271 5.58 3.09 27.31
CA THR A 271 5.82 1.82 27.97
C THR A 271 4.54 1.41 28.67
N LEU A 272 3.97 0.28 28.27
CA LEU A 272 2.75 -0.22 28.90
C LEU A 272 3.07 -1.40 29.80
N ARG A 273 2.42 -1.41 30.96
CA ARG A 273 2.55 -2.49 31.93
C ARG A 273 1.17 -3.10 32.18
N TRP A 274 1.09 -4.43 32.20
CA TRP A 274 -0.15 -5.05 32.62
C TRP A 274 -0.30 -4.88 34.13
N GLU A 275 -1.32 -4.11 34.52
CA GLU A 275 -1.52 -3.71 35.91
C GLU A 275 -2.39 -4.72 36.66
N MET B 1 7.67 -16.42 -14.59
N MET B 1 6.66 -17.09 -14.85
CA MET B 1 6.39 -15.86 -14.06
CA MET B 1 6.22 -15.93 -14.01
C MET B 1 6.26 -16.18 -12.57
C MET B 1 6.35 -16.27 -12.53
N ILE B 2 6.86 -15.33 -11.75
CA ILE B 2 6.85 -15.48 -10.29
C ILE B 2 5.46 -15.17 -9.76
N GLN B 3 4.88 -16.15 -9.06
CA GLN B 3 3.59 -15.97 -8.43
C GLN B 3 3.78 -16.01 -6.93
N ARG B 4 3.22 -15.02 -6.24
CA ARG B 4 3.32 -14.95 -4.79
C ARG B 4 1.92 -15.04 -4.21
N THR B 5 1.75 -15.87 -3.18
N THR B 5 1.78 -15.83 -3.14
CA THR B 5 0.42 -16.09 -2.64
CA THR B 5 0.50 -16.09 -2.52
C THR B 5 0.02 -14.98 -1.67
C THR B 5 0.05 -14.91 -1.65
N PRO B 6 -1.26 -14.60 -1.67
CA PRO B 6 -1.72 -13.52 -0.80
C PRO B 6 -1.62 -13.87 0.70
N LYS B 7 -1.13 -12.90 1.48
CA LYS B 7 -1.25 -12.93 2.92
C LYS B 7 -2.59 -12.28 3.26
N ILE B 8 -3.28 -12.78 4.28
CA ILE B 8 -4.65 -12.34 4.59
C ILE B 8 -4.79 -11.96 6.07
N GLN B 9 -5.42 -10.82 6.34
CA GLN B 9 -5.84 -10.48 7.70
C GLN B 9 -7.30 -10.09 7.66
N VAL B 10 -8.06 -10.65 8.60
N VAL B 10 -8.07 -10.61 8.61
CA VAL B 10 -9.45 -10.30 8.79
CA VAL B 10 -9.47 -10.25 8.72
C VAL B 10 -9.56 -9.62 10.14
C VAL B 10 -9.69 -9.68 10.12
N TYR B 11 -10.22 -8.46 10.18
CA TYR B 11 -10.31 -7.71 11.44
C TYR B 11 -11.38 -6.63 11.34
N SER B 12 -11.72 -6.06 12.49
CA SER B 12 -12.69 -4.97 12.55
C SER B 12 -11.96 -3.62 12.62
N ARG B 13 -12.61 -2.57 12.11
CA ARG B 13 -12.02 -1.23 12.15
C ARG B 13 -11.89 -0.75 13.59
N HIS B 14 -12.90 -1.06 14.41
CA HIS B 14 -12.93 -0.61 15.80
C HIS B 14 -13.01 -1.82 16.70
N PRO B 15 -12.55 -1.68 17.95
CA PRO B 15 -12.70 -2.81 18.87
C PRO B 15 -14.16 -3.24 18.88
N ALA B 16 -14.40 -4.53 18.79
CA ALA B 16 -15.74 -5.03 18.60
C ALA B 16 -16.45 -5.34 19.91
N GLU B 17 -17.73 -5.02 19.94
CA GLU B 17 -18.60 -5.45 21.02
C GLU B 17 -19.94 -5.82 20.42
N ASN B 18 -20.48 -6.96 20.86
CA ASN B 18 -21.73 -7.46 20.32
C ASN B 18 -22.82 -6.40 20.28
N GLY B 19 -23.57 -6.36 19.20
CA GLY B 19 -24.67 -5.42 19.06
C GLY B 19 -24.30 -4.01 18.62
N LYS B 20 -23.02 -3.71 18.51
CA LYS B 20 -22.61 -2.35 18.16
C LYS B 20 -21.99 -2.25 16.77
N SER B 21 -22.42 -1.24 16.02
CA SER B 21 -22.09 -1.10 14.61
C SER B 21 -20.57 -0.92 14.37
N ASN B 22 -20.08 -1.42 13.23
CA ASN B 22 -18.64 -1.49 13.00
C ASN B 22 -18.34 -1.66 11.51
N PHE B 23 -17.09 -1.97 11.18
CA PHE B 23 -16.70 -2.25 9.81
C PHE B 23 -15.81 -3.48 9.80
N LEU B 24 -16.12 -4.43 8.93
CA LEU B 24 -15.35 -5.66 8.79
C LEU B 24 -14.34 -5.46 7.66
N ASN B 25 -13.07 -5.78 7.92
CA ASN B 25 -11.99 -5.58 6.93
C ASN B 25 -11.32 -6.90 6.56
N CYS B 26 -10.98 -7.03 5.28
CA CYS B 26 -10.13 -8.13 4.85
C CYS B 26 -8.99 -7.54 4.03
N TYR B 27 -7.79 -7.53 4.64
CA TYR B 27 -6.58 -6.98 4.05
C TYR B 27 -5.78 -8.07 3.35
N VAL B 28 -5.68 -7.98 2.02
N VAL B 28 -5.61 -7.94 2.04
CA VAL B 28 -4.83 -8.93 1.28
CA VAL B 28 -4.87 -8.92 1.25
C VAL B 28 -3.61 -8.24 0.75
C VAL B 28 -3.62 -8.26 0.68
N SER B 29 -2.45 -8.85 0.95
CA SER B 29 -1.19 -8.25 0.53
C SER B 29 -0.17 -9.30 0.16
N GLY B 30 0.94 -8.83 -0.40
CA GLY B 30 2.08 -9.69 -0.73
C GLY B 30 1.90 -10.57 -1.95
N PHE B 31 0.89 -10.30 -2.78
CA PHE B 31 0.56 -11.21 -3.88
C PHE B 31 0.99 -10.70 -5.27
N HIS B 32 1.14 -11.63 -6.19
CA HIS B 32 1.41 -11.31 -7.58
C HIS B 32 0.99 -12.58 -8.35
N PRO B 33 0.26 -12.43 -9.47
CA PRO B 33 -0.15 -11.17 -10.09
C PRO B 33 -1.35 -10.55 -9.40
N SER B 34 -1.89 -9.47 -9.98
CA SER B 34 -2.90 -8.65 -9.29
C SER B 34 -4.33 -9.18 -9.31
N ASP B 35 -4.65 -10.04 -10.27
CA ASP B 35 -6.02 -10.54 -10.34
C ASP B 35 -6.32 -11.38 -9.09
N ILE B 36 -7.42 -11.06 -8.43
CA ILE B 36 -7.75 -11.69 -7.16
C ILE B 36 -9.24 -11.57 -6.88
N GLU B 37 -9.81 -12.61 -6.27
CA GLU B 37 -11.23 -12.60 -5.90
C GLU B 37 -11.28 -12.59 -4.38
N VAL B 38 -11.98 -11.61 -3.83
CA VAL B 38 -12.10 -11.50 -2.37
C VAL B 38 -13.55 -11.23 -1.99
N ASP B 39 -14.10 -12.07 -1.11
CA ASP B 39 -15.46 -11.86 -0.61
C ASP B 39 -15.49 -11.84 0.92
N LEU B 40 -16.40 -11.07 1.49
CA LEU B 40 -16.65 -11.16 2.92
C LEU B 40 -17.91 -11.98 3.11
N LEU B 41 -17.91 -12.87 4.09
CA LEU B 41 -19.03 -13.77 4.33
C LEU B 41 -19.69 -13.54 5.70
N LYS B 42 -21.01 -13.63 5.73
CA LYS B 42 -21.74 -13.70 6.98
C LYS B 42 -22.39 -15.08 7.06
N ASN B 43 -21.97 -15.88 8.04
CA ASN B 43 -22.41 -17.26 8.16
C ASN B 43 -22.34 -17.96 6.81
N GLY B 44 -21.22 -17.80 6.12
CA GLY B 44 -21.00 -18.46 4.83
C GLY B 44 -21.60 -17.76 3.63
N GLU B 45 -22.56 -16.87 3.86
CA GLU B 45 -23.24 -16.17 2.78
C GLU B 45 -22.48 -14.91 2.37
N ARG B 46 -22.16 -14.82 1.09
CA ARG B 46 -21.45 -13.67 0.55
C ARG B 46 -22.19 -12.37 0.85
N ILE B 47 -21.50 -11.41 1.48
CA ILE B 47 -22.09 -10.10 1.72
C ILE B 47 -22.06 -9.30 0.43
N GLU B 48 -23.17 -8.67 0.08
CA GLU B 48 -23.29 -8.03 -1.24
C GLU B 48 -22.74 -6.60 -1.29
N LYS B 49 -22.82 -5.89 -0.18
CA LYS B 49 -22.41 -4.49 -0.15
C LYS B 49 -20.94 -4.37 0.27
N VAL B 50 -20.03 -4.85 -0.57
CA VAL B 50 -18.60 -4.88 -0.21
C VAL B 50 -17.75 -4.04 -1.15
N GLU B 51 -16.97 -3.13 -0.56
CA GLU B 51 -16.10 -2.25 -1.35
C GLU B 51 -14.63 -2.60 -1.16
N HIS B 52 -13.78 -2.04 -2.02
CA HIS B 52 -12.34 -2.26 -1.87
C HIS B 52 -11.55 -1.02 -2.27
N SER B 53 -10.33 -0.93 -1.76
CA SER B 53 -9.42 0.16 -2.05
C SER B 53 -8.88 0.04 -3.48
N ASP B 54 -8.27 1.12 -3.98
CA ASP B 54 -7.65 1.09 -5.29
C ASP B 54 -6.34 0.30 -5.24
N LEU B 55 -6.12 -0.55 -6.25
CA LEU B 55 -4.93 -1.39 -6.34
C LEU B 55 -3.61 -0.60 -6.25
N SER B 56 -2.75 -0.99 -5.30
CA SER B 56 -1.43 -0.41 -5.18
C SER B 56 -0.42 -1.51 -4.84
N PHE B 57 0.85 -1.14 -4.66
CA PHE B 57 1.89 -2.16 -4.44
C PHE B 57 3.02 -1.66 -3.56
N SER B 58 3.73 -2.59 -2.92
N SER B 58 3.73 -2.58 -2.91
CA SER B 58 4.85 -2.26 -2.03
CA SER B 58 4.85 -2.25 -2.02
C SER B 58 6.18 -2.26 -2.79
C SER B 58 6.18 -2.26 -2.79
N LYS B 59 7.26 -1.92 -2.09
CA LYS B 59 8.57 -1.81 -2.73
C LYS B 59 9.09 -3.08 -3.40
N ASP B 60 8.60 -4.24 -2.98
CA ASP B 60 8.98 -5.49 -3.64
C ASP B 60 8.05 -5.82 -4.79
N TRP B 61 7.16 -4.88 -5.12
CA TRP B 61 6.28 -4.99 -6.28
C TRP B 61 5.02 -5.84 -6.00
N SER B 62 4.89 -6.38 -4.79
CA SER B 62 3.70 -7.17 -4.50
C SER B 62 2.49 -6.28 -4.19
N PHE B 63 1.31 -6.76 -4.54
CA PHE B 63 0.11 -5.93 -4.49
C PHE B 63 -0.60 -6.02 -3.14
N TYR B 64 -1.35 -4.98 -2.78
CA TYR B 64 -2.21 -5.07 -1.60
C TYR B 64 -3.56 -4.38 -1.86
N LEU B 65 -4.62 -4.94 -1.28
CA LEU B 65 -5.96 -4.36 -1.35
C LEU B 65 -6.64 -4.48 0.00
N LEU B 66 -7.56 -3.55 0.28
CA LEU B 66 -8.46 -3.66 1.45
C LEU B 66 -9.89 -3.76 0.95
N TYR B 67 -10.56 -4.84 1.35
CA TYR B 67 -12.00 -5.05 1.15
C TYR B 67 -12.71 -4.81 2.47
N TYR B 68 -13.91 -4.25 2.44
CA TYR B 68 -14.56 -3.85 3.68
C TYR B 68 -16.05 -3.67 3.52
N THR B 69 -16.76 -3.78 4.64
CA THR B 69 -18.20 -3.58 4.65
C THR B 69 -18.61 -3.20 6.07
N GLU B 70 -19.74 -2.53 6.20
CA GLU B 70 -20.29 -2.27 7.52
C GLU B 70 -20.84 -3.58 8.06
N PHE B 71 -20.79 -3.77 9.38
CA PHE B 71 -21.37 -4.95 9.97
C PHE B 71 -21.65 -4.73 11.45
N THR B 72 -22.41 -5.64 12.06
CA THR B 72 -22.70 -5.54 13.47
C THR B 72 -22.47 -6.90 14.08
N PRO B 73 -21.35 -7.05 14.81
CA PRO B 73 -21.02 -8.30 15.45
C PRO B 73 -22.08 -8.71 16.46
N THR B 74 -22.33 -10.01 16.53
CA THR B 74 -23.27 -10.56 17.50
C THR B 74 -22.69 -11.81 18.11
N GLU B 75 -23.38 -12.37 19.08
CA GLU B 75 -22.91 -13.56 19.78
C GLU B 75 -22.76 -14.76 18.84
N LYS B 76 -23.75 -14.95 17.97
CA LYS B 76 -23.83 -16.18 17.20
C LYS B 76 -23.25 -16.12 15.78
N ASP B 77 -23.19 -14.93 15.20
CA ASP B 77 -22.82 -14.79 13.79
C ASP B 77 -21.33 -15.01 13.52
N GLU B 78 -21.03 -15.75 12.45
CA GLU B 78 -19.66 -15.98 12.01
C GLU B 78 -19.37 -15.10 10.81
N TYR B 79 -18.28 -14.34 10.88
CA TYR B 79 -17.86 -13.56 9.73
C TYR B 79 -16.53 -14.11 9.24
N ALA B 80 -16.26 -13.94 7.97
CA ALA B 80 -15.02 -14.44 7.40
C ALA B 80 -14.73 -13.74 6.10
N CYS B 81 -13.57 -14.05 5.54
N CYS B 81 -13.54 -13.97 5.55
CA CYS B 81 -13.15 -13.54 4.25
CA CYS B 81 -13.28 -13.49 4.19
C CYS B 81 -12.73 -14.71 3.37
C CYS B 81 -12.66 -14.60 3.33
N ARG B 82 -13.20 -14.73 2.13
CA ARG B 82 -12.85 -15.81 1.20
C ARG B 82 -11.97 -15.28 0.07
N VAL B 83 -10.81 -15.90 -0.12
CA VAL B 83 -9.83 -15.40 -1.09
C VAL B 83 -9.40 -16.49 -2.08
N ASN B 84 -9.52 -16.18 -3.37
CA ASN B 84 -9.00 -17.07 -4.41
C ASN B 84 -8.03 -16.31 -5.29
N HIS B 85 -6.97 -16.99 -5.71
CA HIS B 85 -5.88 -16.38 -6.46
C HIS B 85 -5.26 -17.53 -7.22
N VAL B 86 -4.60 -17.22 -8.33
CA VAL B 86 -4.03 -18.27 -9.19
C VAL B 86 -3.07 -19.15 -8.39
N THR B 87 -2.52 -18.63 -7.30
CA THR B 87 -1.55 -19.40 -6.52
C THR B 87 -2.22 -20.40 -5.58
N LEU B 88 -3.54 -20.28 -5.43
CA LEU B 88 -4.29 -21.13 -4.52
C LEU B 88 -5.06 -22.21 -5.27
N SER B 89 -4.94 -23.45 -4.80
CA SER B 89 -5.66 -24.59 -5.39
C SER B 89 -7.19 -24.45 -5.28
N GLN B 90 -7.65 -23.91 -4.16
CA GLN B 90 -9.06 -23.55 -4.00
C GLN B 90 -9.12 -22.36 -3.05
N PRO B 91 -10.28 -21.68 -2.99
CA PRO B 91 -10.37 -20.48 -2.16
C PRO B 91 -9.93 -20.72 -0.73
N LYS B 92 -9.22 -19.74 -0.15
CA LYS B 92 -8.79 -19.80 1.23
C LYS B 92 -9.77 -18.99 2.07
N ILE B 93 -10.31 -19.58 3.14
CA ILE B 93 -11.27 -18.89 4.00
C ILE B 93 -10.71 -18.65 5.40
N VAL B 94 -10.72 -17.39 5.82
CA VAL B 94 -10.13 -17.00 7.09
C VAL B 94 -11.22 -16.38 7.96
N LYS B 95 -11.45 -16.98 9.13
CA LYS B 95 -12.53 -16.56 10.02
C LYS B 95 -12.16 -15.31 10.80
N TRP B 96 -13.14 -14.43 11.06
CA TRP B 96 -12.88 -13.26 11.91
C TRP B 96 -12.80 -13.65 13.39
N ASP B 97 -11.67 -13.34 14.01
CA ASP B 97 -11.49 -13.51 15.44
C ASP B 97 -11.46 -12.13 16.09
N ARG B 98 -12.43 -11.89 16.97
CA ARG B 98 -12.65 -10.65 17.69
C ARG B 98 -11.36 -10.09 18.33
N ASP B 99 -10.49 -10.99 18.77
CA ASP B 99 -9.33 -10.58 19.56
C ASP B 99 -8.04 -10.42 18.76
N MET B 100 -8.16 -10.42 17.43
CA MET B 100 -6.98 -10.40 16.57
C MET B 100 -7.11 -9.42 15.40
N VAL C 1 1.09 16.33 -8.91
CA VAL C 1 0.84 16.39 -10.38
C VAL C 1 1.70 15.37 -11.12
N LEU C 2 1.12 14.69 -12.12
CA LEU C 2 1.83 13.71 -12.94
C LEU C 2 2.89 14.36 -13.82
N ARG C 3 3.89 13.58 -14.21
CA ARG C 3 4.85 14.02 -15.22
C ARG C 3 4.11 14.18 -16.55
N ASP C 4 4.55 15.14 -17.36
CA ASP C 4 3.84 15.53 -18.57
C ASP C 4 3.96 14.51 -19.72
N ASP C 5 5.02 13.71 -19.71
CA ASP C 5 5.21 12.72 -20.78
C ASP C 5 6.17 11.60 -20.36
N LEU C 6 5.84 10.37 -20.74
CA LEU C 6 6.70 9.23 -20.47
C LEU C 6 7.18 8.61 -21.78
N LEU C 7 8.49 8.48 -21.92
CA LEU C 7 9.04 7.81 -23.09
C LEU C 7 8.84 6.29 -23.01
N GLU C 8 8.58 5.66 -24.15
CA GLU C 8 8.39 4.21 -24.21
C GLU C 8 9.70 3.50 -23.88
N ALA C 9 9.60 2.28 -23.34
CA ALA C 9 10.77 1.45 -23.02
C ALA C 9 11.35 0.75 -24.25
#